data_4Q59
#
_entry.id   4Q59
#
_cell.length_a   41.850
_cell.length_b   159.823
_cell.length_c   184.270
_cell.angle_alpha   90.00
_cell.angle_beta   90.00
_cell.angle_gamma   90.00
#
_symmetry.space_group_name_H-M   'C 2 2 21'
#
loop_
_entity.id
_entity.type
_entity.pdbx_description
1 polymer Plectin
2 water water
#
_entity_poly.entity_id   1
_entity_poly.type   'polypeptide(L)'
_entity_poly.pdbx_seq_one_letter_code
;DERDRVQKKTFTKWVNKHLIKAQRHISDLYEDLRDGHNLISLLEVLSGDSLPREKGRMRFHKLQNVQIALDYLRHRQVKL
VNIRNDDIADGNPKLTLGLIWTIILHFQISDIQVSGQSEDMTAKEKLLLWSQRMVEGYQGLRCDNFTSSWRDGRLFNAII
HRHKPLLIDMNKVYRQTNLENLDQAFSVAERDLGVTRLLDPEDVDVPQPDEKSIITYVSSLYDAMP
;
_entity_poly.pdbx_strand_id   A,B
#
# COMPACT_ATOMS: atom_id res chain seq x y z
N ASP A 1 -18.42 13.95 -12.57
CA ASP A 1 -19.04 14.34 -11.30
C ASP A 1 -18.39 13.64 -10.10
N GLU A 2 -18.12 14.38 -9.02
CA GLU A 2 -17.41 13.81 -7.88
C GLU A 2 -18.15 12.96 -6.81
N ARG A 3 -19.41 12.58 -7.02
CA ARG A 3 -19.97 11.52 -6.17
C ARG A 3 -19.24 10.23 -6.60
N ASP A 4 -18.76 10.25 -7.85
CA ASP A 4 -17.90 9.21 -8.40
C ASP A 4 -16.59 9.13 -7.64
N ARG A 5 -16.07 10.28 -7.19
CA ARG A 5 -14.87 10.30 -6.35
C ARG A 5 -15.08 9.54 -5.05
N VAL A 6 -16.21 9.79 -4.39
CA VAL A 6 -16.50 9.14 -3.12
C VAL A 6 -16.74 7.64 -3.36
N GLN A 7 -17.44 7.35 -4.45
CA GLN A 7 -17.77 5.98 -4.80
C GLN A 7 -16.52 5.16 -5.07
N LYS A 8 -15.55 5.77 -5.73
CA LYS A 8 -14.27 5.14 -5.99
C LYS A 8 -13.55 4.84 -4.69
N LYS A 9 -13.56 5.79 -3.75
CA LYS A 9 -12.89 5.56 -2.47
C LYS A 9 -13.57 4.45 -1.66
N THR A 10 -14.90 4.46 -1.65
CA THR A 10 -15.68 3.45 -0.95
C THR A 10 -15.43 2.05 -1.54
N PHE A 11 -15.46 1.93 -2.88
CA PHE A 11 -15.27 0.64 -3.53
C PHE A 11 -13.84 0.15 -3.31
N THR A 12 -12.87 1.06 -3.35
CA THR A 12 -11.48 0.70 -3.11
C THR A 12 -11.29 0.10 -1.72
N LYS A 13 -11.97 0.67 -0.72
CA LYS A 13 -11.89 0.15 0.66
C LYS A 13 -12.62 -1.17 0.89
N TRP A 14 -13.74 -1.35 0.21
CA TRP A 14 -14.50 -2.57 0.27
C TRP A 14 -13.66 -3.69 -0.32
N VAL A 15 -13.15 -3.47 -1.53
CA VAL A 15 -12.29 -4.46 -2.15
C VAL A 15 -11.12 -4.83 -1.21
N ASN A 16 -10.40 -3.82 -0.72
CA ASN A 16 -9.24 -4.06 0.15
C ASN A 16 -9.57 -4.76 1.46
N LYS A 17 -10.76 -4.53 2.01
CA LYS A 17 -11.18 -5.21 3.23
C LYS A 17 -11.09 -6.74 3.02
N HIS A 18 -11.37 -7.19 1.79
CA HIS A 18 -11.32 -8.63 1.47
C HIS A 18 -9.97 -9.09 0.91
N LEU A 19 -9.37 -8.28 0.04
CA LEU A 19 -8.09 -8.60 -0.58
C LEU A 19 -6.96 -8.79 0.42
N ILE A 20 -7.04 -8.11 1.55
CA ILE A 20 -5.99 -8.25 2.54
C ILE A 20 -5.92 -9.70 3.08
N LYS A 21 -7.02 -10.43 3.03
CA LYS A 21 -7.00 -11.83 3.46
C LYS A 21 -6.26 -12.72 2.47
N ALA A 22 -5.84 -12.12 1.35
CA ALA A 22 -5.05 -12.81 0.34
C ALA A 22 -3.72 -12.08 0.14
N GLN A 23 -3.36 -11.26 1.12
CA GLN A 23 -2.15 -10.43 1.09
C GLN A 23 -2.07 -9.57 -0.18
N ARG A 24 -3.17 -8.93 -0.52
CA ARG A 24 -3.19 -8.09 -1.70
C ARG A 24 -3.80 -6.73 -1.38
N HIS A 25 -3.60 -5.78 -2.28
CA HIS A 25 -3.91 -4.42 -1.96
C HIS A 25 -4.02 -3.55 -3.22
N ILE A 26 -5.06 -2.73 -3.26
CA ILE A 26 -5.34 -1.82 -4.37
C ILE A 26 -5.08 -0.40 -3.91
N SER A 27 -4.33 0.36 -4.70
CA SER A 27 -4.19 1.80 -4.46
C SER A 27 -5.08 2.61 -5.40
N ASP A 28 -4.88 2.42 -6.70
CA ASP A 28 -5.68 3.08 -7.72
C ASP A 28 -6.65 2.08 -8.31
N LEU A 29 -7.93 2.24 -8.04
CA LEU A 29 -8.93 1.30 -8.55
C LEU A 29 -8.97 1.25 -10.08
N TYR A 30 -8.59 2.35 -10.73
CA TYR A 30 -8.68 2.43 -12.20
C TYR A 30 -7.47 1.90 -12.93
N GLU A 31 -6.48 1.45 -12.17
CA GLU A 31 -5.27 0.87 -12.73
C GLU A 31 -5.12 -0.59 -12.31
N ASP A 32 -5.41 -0.88 -11.04
CA ASP A 32 -4.93 -2.14 -10.45
C ASP A 32 -5.88 -3.33 -10.60
N LEU A 33 -6.94 -3.17 -11.39
CA LEU A 33 -7.82 -4.26 -11.75
C LEU A 33 -7.60 -4.66 -13.20
N ARG A 34 -6.77 -3.88 -13.89
CA ARG A 34 -6.62 -4.06 -15.33
C ARG A 34 -5.98 -5.38 -15.77
N ASP A 35 -5.05 -5.94 -15.00
CA ASP A 35 -4.43 -7.19 -15.48
C ASP A 35 -5.14 -8.44 -14.95
N GLY A 36 -6.29 -8.26 -14.28
CA GLY A 36 -7.14 -9.38 -13.90
C GLY A 36 -6.79 -10.12 -12.61
N HIS A 37 -5.55 -9.98 -12.16
CA HIS A 37 -5.10 -10.76 -10.99
C HIS A 37 -5.82 -10.42 -9.68
N ASN A 38 -6.07 -9.14 -9.42
CA ASN A 38 -6.75 -8.76 -8.18
C ASN A 38 -8.24 -9.12 -8.18
N LEU A 39 -8.90 -9.06 -9.34
CA LEU A 39 -10.30 -9.50 -9.47
C LEU A 39 -10.45 -11.00 -9.17
N ILE A 40 -9.61 -11.81 -9.80
CA ILE A 40 -9.60 -13.26 -9.55
C ILE A 40 -9.39 -13.54 -8.07
N SER A 41 -8.37 -12.93 -7.48
CA SER A 41 -8.11 -13.13 -6.05
C SER A 41 -9.31 -12.69 -5.20
N LEU A 42 -9.97 -11.60 -5.60
CA LEU A 42 -11.17 -11.10 -4.92
C LEU A 42 -12.30 -12.12 -5.01
N LEU A 43 -12.56 -12.63 -6.21
CA LEU A 43 -13.60 -13.64 -6.38
C LEU A 43 -13.30 -14.92 -5.57
N GLU A 44 -12.03 -15.32 -5.47
CA GLU A 44 -11.65 -16.52 -4.69
C GLU A 44 -11.89 -16.32 -3.19
N VAL A 45 -11.47 -15.17 -2.69
CA VAL A 45 -11.65 -14.81 -1.28
C VAL A 45 -13.11 -14.74 -0.91
N LEU A 46 -13.92 -14.20 -1.82
CA LEU A 46 -15.34 -14.03 -1.55
C LEU A 46 -16.11 -15.34 -1.57
N SER A 47 -15.67 -16.28 -2.41
CA SER A 47 -16.42 -17.50 -2.71
C SER A 47 -15.83 -18.77 -2.13
N GLY A 48 -14.50 -18.80 -2.05
CA GLY A 48 -13.78 -19.96 -1.56
C GLY A 48 -13.35 -20.89 -2.68
N ASP A 49 -13.79 -20.59 -3.90
CA ASP A 49 -13.47 -21.42 -5.04
C ASP A 49 -12.05 -21.21 -5.52
N SER A 50 -11.56 -22.18 -6.29
CA SER A 50 -10.26 -22.04 -6.94
C SER A 50 -10.44 -21.74 -8.42
N LEU A 51 -9.82 -20.65 -8.83
CA LEU A 51 -9.88 -20.18 -10.21
C LEU A 51 -8.53 -20.32 -10.92
N PRO A 52 -8.56 -20.49 -12.25
CA PRO A 52 -7.33 -20.48 -13.05
C PRO A 52 -6.71 -19.07 -13.23
N ARG A 53 -5.41 -19.00 -13.48
CA ARG A 53 -4.74 -17.74 -13.81
C ARG A 53 -3.84 -17.89 -15.03
N GLU A 54 -3.82 -16.87 -15.88
CA GLU A 54 -2.85 -16.83 -16.96
C GLU A 54 -1.68 -15.95 -16.57
N LYS A 55 -0.50 -16.51 -16.78
CA LYS A 55 0.77 -15.90 -16.48
C LYS A 55 1.20 -15.11 -17.71
N GLY A 56 1.82 -13.95 -17.51
CA GLY A 56 2.26 -13.16 -18.64
C GLY A 56 2.06 -11.69 -18.43
N ARG A 57 2.69 -10.89 -19.28
CA ARG A 57 2.69 -9.45 -19.08
C ARG A 57 2.10 -8.69 -20.25
N MET A 58 1.84 -9.42 -21.33
CA MET A 58 1.19 -8.85 -22.51
C MET A 58 -0.29 -8.63 -22.28
N ARG A 59 -0.87 -7.72 -23.06
CA ARG A 59 -2.31 -7.50 -23.06
C ARG A 59 -3.08 -8.79 -23.38
N PHE A 60 -2.55 -9.58 -24.32
CA PHE A 60 -3.11 -10.89 -24.67
C PHE A 60 -3.36 -11.72 -23.41
N HIS A 61 -2.38 -11.73 -22.50
CA HIS A 61 -2.52 -12.49 -21.25
C HIS A 61 -3.48 -11.80 -20.30
N LYS A 62 -3.44 -10.47 -20.27
CA LYS A 62 -4.31 -9.69 -19.40
C LYS A 62 -5.79 -9.87 -19.73
N LEU A 63 -6.15 -9.80 -21.01
CA LEU A 63 -7.53 -10.02 -21.40
C LEU A 63 -8.04 -11.38 -20.96
N GLN A 64 -7.14 -12.37 -20.98
CA GLN A 64 -7.52 -13.73 -20.61
C GLN A 64 -7.83 -13.82 -19.13
N ASN A 65 -7.03 -13.17 -18.29
CA ASN A 65 -7.33 -13.15 -16.86
C ASN A 65 -8.65 -12.46 -16.53
N VAL A 66 -8.90 -11.32 -17.16
CA VAL A 66 -10.16 -10.62 -16.94
C VAL A 66 -11.33 -11.48 -17.36
N GLN A 67 -11.19 -12.26 -18.45
CA GLN A 67 -12.30 -13.09 -18.88
C GLN A 67 -12.56 -14.23 -17.90
N ILE A 68 -11.52 -14.72 -17.24
CA ILE A 68 -11.67 -15.72 -16.18
C ILE A 68 -12.68 -15.21 -15.13
N ALA A 69 -12.43 -13.98 -14.66
CA ALA A 69 -13.28 -13.27 -13.70
C ALA A 69 -14.69 -13.05 -14.19
N LEU A 70 -14.84 -12.51 -15.40
CA LEU A 70 -16.19 -12.17 -15.90
C LEU A 70 -17.02 -13.43 -16.14
N ASP A 71 -16.41 -14.46 -16.73
CA ASP A 71 -17.10 -15.74 -16.96
C ASP A 71 -17.50 -16.39 -15.66
N TYR A 72 -16.63 -16.28 -14.64
CA TYR A 72 -16.99 -16.83 -13.35
C TYR A 72 -18.30 -16.21 -12.91
N LEU A 73 -18.38 -14.88 -12.99
CA LEU A 73 -19.60 -14.15 -12.64
C LEU A 73 -20.77 -14.45 -13.56
N ARG A 74 -20.52 -14.48 -14.88
CA ARG A 74 -21.62 -14.71 -15.83
C ARG A 74 -22.22 -16.08 -15.60
N HIS A 75 -21.36 -17.07 -15.34
CA HIS A 75 -21.81 -18.44 -15.13
C HIS A 75 -22.65 -18.56 -13.86
N ARG A 76 -22.71 -17.50 -13.06
CA ARG A 76 -23.51 -17.57 -11.85
C ARG A 76 -24.72 -16.66 -11.89
N GLN A 77 -25.26 -16.48 -13.10
CA GLN A 77 -26.46 -15.68 -13.36
C GLN A 77 -26.28 -14.21 -13.03
N VAL A 78 -25.04 -13.79 -12.83
CA VAL A 78 -24.76 -12.38 -12.66
C VAL A 78 -24.70 -11.65 -14.01
N LYS A 79 -25.64 -10.73 -14.22
CA LYS A 79 -25.72 -9.99 -15.47
C LYS A 79 -24.70 -8.87 -15.47
N LEU A 80 -23.85 -8.80 -16.50
CA LEU A 80 -22.81 -7.78 -16.57
C LEU A 80 -23.17 -6.74 -17.64
N VAL A 81 -23.36 -5.50 -17.19
CA VAL A 81 -23.87 -4.38 -18.02
C VAL A 81 -22.87 -3.80 -19.04
N ASN A 82 -22.93 -4.29 -20.29
CA ASN A 82 -22.10 -3.76 -21.37
C ASN A 82 -20.62 -3.80 -21.01
N ILE A 83 -20.26 -4.77 -20.18
CA ILE A 83 -18.90 -4.87 -19.69
C ILE A 83 -18.23 -6.01 -20.42
N ARG A 84 -17.22 -5.65 -21.21
CA ARG A 84 -16.43 -6.63 -21.93
C ARG A 84 -15.03 -6.60 -21.32
N ASN A 85 -14.26 -7.66 -21.54
CA ASN A 85 -12.95 -7.76 -20.90
C ASN A 85 -12.03 -6.57 -21.16
N ASP A 86 -12.09 -6.02 -22.37
CA ASP A 86 -11.14 -4.95 -22.71
C ASP A 86 -11.51 -3.57 -22.10
N ASP A 87 -12.77 -3.39 -21.70
CA ASP A 87 -13.14 -2.18 -20.96
C ASP A 87 -12.37 -2.17 -19.64
N ILE A 88 -12.34 -3.33 -18.99
CA ILE A 88 -11.62 -3.50 -17.75
C ILE A 88 -10.11 -3.43 -17.96
N ALA A 89 -9.60 -4.06 -19.02
CA ALA A 89 -8.16 -4.04 -19.32
C ALA A 89 -7.67 -2.62 -19.64
N ASP A 90 -8.60 -1.75 -20.02
CA ASP A 90 -8.25 -0.37 -20.34
C ASP A 90 -8.56 0.60 -19.19
N GLY A 91 -9.11 0.10 -18.09
CA GLY A 91 -9.32 0.94 -16.93
C GLY A 91 -10.41 1.97 -17.14
N ASN A 92 -11.44 1.62 -17.91
CA ASN A 92 -12.63 2.44 -18.07
C ASN A 92 -13.28 2.69 -16.72
N PRO A 93 -13.22 3.94 -16.24
CA PRO A 93 -13.69 4.31 -14.89
C PRO A 93 -15.14 3.89 -14.60
N LYS A 94 -16.08 4.25 -15.46
CA LYS A 94 -17.49 3.91 -15.24
C LYS A 94 -17.78 2.40 -15.18
N LEU A 95 -17.27 1.66 -16.16
CA LEU A 95 -17.50 0.21 -16.24
C LEU A 95 -16.79 -0.56 -15.12
N THR A 96 -15.63 -0.06 -14.71
CA THR A 96 -14.91 -0.65 -13.61
C THR A 96 -15.72 -0.51 -12.31
N LEU A 97 -16.21 0.70 -12.04
CA LEU A 97 -17.08 0.97 -10.90
C LEU A 97 -18.31 0.08 -10.95
N GLY A 98 -18.93 0.01 -12.14
CA GLY A 98 -20.08 -0.84 -12.36
C GLY A 98 -19.82 -2.32 -12.12
N LEU A 99 -18.62 -2.79 -12.45
CA LEU A 99 -18.27 -4.21 -12.19
C LEU A 99 -18.19 -4.47 -10.69
N ILE A 100 -17.52 -3.60 -9.95
CA ILE A 100 -17.38 -3.77 -8.50
C ILE A 100 -18.74 -3.74 -7.82
N TRP A 101 -19.57 -2.82 -8.27
CA TRP A 101 -20.92 -2.70 -7.75
C TRP A 101 -21.68 -4.01 -7.93
N THR A 102 -21.55 -4.60 -9.12
CA THR A 102 -22.19 -5.87 -9.42
C THR A 102 -21.74 -6.98 -8.44
N ILE A 103 -20.45 -6.99 -8.14
CA ILE A 103 -19.87 -7.93 -7.20
C ILE A 103 -20.39 -7.70 -5.78
N ILE A 104 -20.40 -6.43 -5.34
CA ILE A 104 -20.93 -6.08 -4.03
C ILE A 104 -22.40 -6.50 -3.93
N LEU A 105 -23.15 -6.22 -4.99
CA LEU A 105 -24.55 -6.66 -5.07
C LEU A 105 -24.68 -8.19 -4.90
N HIS A 106 -23.91 -8.95 -5.67
CA HIS A 106 -24.03 -10.41 -5.62
C HIS A 106 -23.59 -11.05 -4.30
N PHE A 107 -22.46 -10.65 -3.76
CA PHE A 107 -21.94 -11.37 -2.60
C PHE A 107 -22.43 -10.79 -1.28
N GLN A 108 -22.81 -9.51 -1.27
CA GLN A 108 -23.16 -8.86 -0.01
C GLN A 108 -24.65 -8.48 0.11
N ILE A 109 -25.24 -7.94 -0.94
CA ILE A 109 -26.58 -7.37 -0.77
C ILE A 109 -27.76 -8.29 -1.17
N SER A 110 -27.54 -9.17 -2.14
CA SER A 110 -28.65 -9.84 -2.82
C SER A 110 -29.51 -10.85 -2.06
N ASP A 111 -28.98 -11.45 -1.00
CA ASP A 111 -29.70 -12.55 -0.34
C ASP A 111 -30.55 -12.16 0.87
N ILE A 112 -30.72 -10.86 1.07
CA ILE A 112 -31.43 -10.30 2.21
C ILE A 112 -32.89 -10.73 2.32
N GLN A 113 -33.32 -11.02 3.54
CA GLN A 113 -34.73 -11.23 3.85
C GLN A 113 -35.07 -10.48 5.14
N VAL A 114 -36.13 -9.67 5.07
CA VAL A 114 -36.56 -8.79 6.16
C VAL A 114 -37.99 -9.09 6.58
N SER A 115 -38.25 -9.05 7.88
CA SER A 115 -39.61 -9.21 8.36
C SER A 115 -40.50 -8.04 7.88
N GLY A 116 -41.71 -8.37 7.46
CA GLY A 116 -42.63 -7.38 6.91
C GLY A 116 -42.51 -7.23 5.41
N GLN A 117 -41.75 -8.14 4.80
CA GLN A 117 -41.39 -8.12 3.39
C GLN A 117 -42.57 -8.27 2.43
N SER A 118 -42.50 -7.58 1.29
CA SER A 118 -43.50 -7.72 0.24
C SER A 118 -42.97 -8.73 -0.80
N GLU A 119 -43.83 -9.14 -1.72
CA GLU A 119 -43.57 -10.31 -2.58
C GLU A 119 -42.53 -10.14 -3.66
N ASP A 120 -42.29 -8.90 -4.09
CA ASP A 120 -41.35 -8.73 -5.17
C ASP A 120 -40.55 -7.47 -4.90
N MET A 121 -39.98 -7.43 -3.70
CA MET A 121 -39.22 -6.27 -3.27
C MET A 121 -37.80 -6.51 -3.73
N THR A 122 -37.15 -5.47 -4.22
CA THR A 122 -35.75 -5.62 -4.59
C THR A 122 -34.92 -5.59 -3.32
N ALA A 123 -33.63 -5.87 -3.46
CA ALA A 123 -32.72 -5.88 -2.32
C ALA A 123 -32.68 -4.51 -1.67
N LYS A 124 -32.62 -3.48 -2.51
CA LYS A 124 -32.62 -2.10 -2.07
C LYS A 124 -33.82 -1.75 -1.20
N GLU A 125 -35.00 -2.20 -1.61
CA GLU A 125 -36.22 -1.91 -0.89
C GLU A 125 -36.28 -2.62 0.45
N LYS A 126 -35.82 -3.87 0.48
CA LYS A 126 -35.80 -4.63 1.73
C LYS A 126 -34.87 -3.99 2.73
N LEU A 127 -33.72 -3.50 2.26
CA LEU A 127 -32.77 -2.87 3.16
C LEU A 127 -33.37 -1.57 3.70
N LEU A 128 -34.10 -0.85 2.85
CA LEU A 128 -34.77 0.38 3.27
C LEU A 128 -35.82 0.08 4.32
N LEU A 129 -36.60 -0.97 4.07
CA LEU A 129 -37.60 -1.40 5.02
C LEU A 129 -36.96 -1.76 6.36
N TRP A 130 -35.84 -2.49 6.31
CA TRP A 130 -35.15 -2.86 7.54
C TRP A 130 -34.69 -1.63 8.33
N SER A 131 -34.12 -0.64 7.65
CA SER A 131 -33.67 0.60 8.29
C SER A 131 -34.84 1.34 8.97
N GLN A 132 -35.98 1.44 8.29
CA GLN A 132 -37.19 2.05 8.86
C GLN A 132 -37.63 1.32 10.11
N ARG A 133 -37.62 -0.03 10.04
CA ARG A 133 -38.03 -0.81 11.21
C ARG A 133 -37.08 -0.66 12.40
N MET A 134 -35.79 -0.53 12.13
CA MET A 134 -34.84 -0.35 13.23
CA MET A 134 -34.78 -0.29 13.17
C MET A 134 -35.07 0.97 13.99
N VAL A 135 -35.57 2.00 13.32
CA VAL A 135 -35.73 3.27 14.03
C VAL A 135 -37.17 3.65 14.25
N GLU A 136 -38.09 2.71 14.05
CA GLU A 136 -39.50 3.02 14.15
C GLU A 136 -39.85 3.53 15.56
N GLY A 137 -39.19 2.98 16.58
CA GLY A 137 -39.41 3.43 17.94
C GLY A 137 -38.88 4.82 18.31
N TYR A 138 -37.95 5.37 17.53
CA TYR A 138 -37.25 6.60 17.92
C TYR A 138 -37.98 7.86 17.48
N GLN A 139 -38.23 8.77 18.42
CA GLN A 139 -38.92 10.02 18.10
C GLN A 139 -37.96 10.93 17.33
N GLY A 140 -38.46 11.47 16.22
CA GLY A 140 -37.71 12.41 15.40
C GLY A 140 -36.69 11.80 14.45
N LEU A 141 -36.81 10.50 14.22
CA LEU A 141 -35.95 9.82 13.25
C LEU A 141 -36.83 9.21 12.15
N ARG A 142 -36.45 9.42 10.90
CA ARG A 142 -37.13 8.80 9.77
C ARG A 142 -36.14 8.48 8.66
N CYS A 143 -36.51 7.51 7.82
CA CYS A 143 -35.65 7.05 6.72
C CYS A 143 -36.49 6.94 5.44
N ASP A 144 -36.17 7.77 4.46
CA ASP A 144 -36.95 7.84 3.23
C ASP A 144 -36.15 7.40 2.02
N ASN A 145 -34.82 7.38 2.18
CA ASN A 145 -33.97 7.05 1.06
C ASN A 145 -32.60 6.55 1.52
N PHE A 146 -31.70 6.38 0.58
CA PHE A 146 -30.32 6.05 0.93
C PHE A 146 -29.38 7.21 0.56
N THR A 147 -29.90 8.43 0.62
CA THR A 147 -29.08 9.60 0.36
C THR A 147 -29.22 10.60 1.50
N SER A 148 -30.14 11.57 1.33
CA SER A 148 -30.34 12.66 2.28
CA SER A 148 -30.34 12.66 2.28
CA SER A 148 -30.39 12.65 2.27
C SER A 148 -30.64 12.17 3.69
N SER A 149 -31.33 11.04 3.81
CA SER A 149 -31.71 10.57 5.15
C SER A 149 -30.51 10.29 6.03
N TRP A 150 -29.35 9.98 5.43
CA TRP A 150 -28.21 9.51 6.21
C TRP A 150 -27.13 10.55 6.48
N ARG A 151 -27.31 11.76 5.95
CA ARG A 151 -26.29 12.79 6.02
C ARG A 151 -25.85 13.23 7.43
N ASP A 152 -26.78 13.37 8.37
CA ASP A 152 -26.41 13.96 9.65
C ASP A 152 -25.95 12.94 10.70
N GLY A 153 -25.88 11.66 10.31
CA GLY A 153 -25.28 10.67 11.19
C GLY A 153 -26.15 10.08 12.28
N ARG A 154 -27.41 10.49 12.36
CA ARG A 154 -28.27 10.03 13.45
C ARG A 154 -28.89 8.67 13.21
N LEU A 155 -29.18 8.34 11.96
CA LEU A 155 -29.65 6.98 11.64
C LEU A 155 -28.57 5.97 11.95
N PHE A 156 -27.35 6.26 11.49
CA PHE A 156 -26.21 5.39 11.79
C PHE A 156 -26.13 5.16 13.28
N ASN A 157 -26.27 6.23 14.08
CA ASN A 157 -26.19 6.08 15.53
C ASN A 157 -27.36 5.32 16.15
N ALA A 158 -28.58 5.57 15.69
CA ALA A 158 -29.76 4.90 16.23
C ALA A 158 -29.70 3.40 15.99
N ILE A 159 -29.36 3.02 14.77
CA ILE A 159 -29.28 1.61 14.38
C ILE A 159 -28.36 0.81 15.30
N ILE A 160 -27.17 1.33 15.54
CA ILE A 160 -26.27 0.74 16.54
C ILE A 160 -26.90 0.68 17.92
N HIS A 161 -27.50 1.79 18.34
CA HIS A 161 -28.16 1.89 19.65
C HIS A 161 -29.29 0.87 19.84
N ARG A 162 -30.03 0.62 18.78
CA ARG A 162 -31.15 -0.31 18.80
C ARG A 162 -30.71 -1.73 19.13
N HIS A 163 -29.49 -2.08 18.73
CA HIS A 163 -28.95 -3.44 18.92
CA HIS A 163 -28.97 -3.44 18.94
C HIS A 163 -28.08 -3.54 20.16
N LYS A 164 -27.41 -2.45 20.50
CA LYS A 164 -26.51 -2.44 21.65
C LYS A 164 -26.55 -1.06 22.32
N PRO A 165 -27.64 -0.80 23.06
CA PRO A 165 -27.95 0.53 23.61
C PRO A 165 -26.86 1.06 24.52
N LEU A 166 -26.06 0.17 25.08
CA LEU A 166 -24.94 0.56 25.93
C LEU A 166 -23.85 1.29 25.19
N LEU A 167 -23.81 1.11 23.88
CA LEU A 167 -22.75 1.65 23.06
C LEU A 167 -22.94 3.11 22.72
N ILE A 168 -24.19 3.55 22.70
CA ILE A 168 -24.51 4.87 22.17
C ILE A 168 -25.34 5.72 23.14
N ASP A 169 -24.91 6.96 23.31
CA ASP A 169 -25.61 7.98 24.10
C ASP A 169 -26.54 8.80 23.19
N MET A 170 -27.81 8.40 23.08
CA MET A 170 -28.69 9.04 22.09
C MET A 170 -28.95 10.52 22.37
N ASN A 171 -29.01 10.92 23.64
CA ASN A 171 -29.22 12.34 23.97
C ASN A 171 -28.03 13.20 23.54
N LYS A 172 -26.83 12.64 23.65
CA LYS A 172 -25.62 13.32 23.19
C LYS A 172 -25.62 13.46 21.66
N VAL A 173 -26.24 12.50 20.98
CA VAL A 173 -26.32 12.55 19.53
C VAL A 173 -27.11 13.80 19.08
N TYR A 174 -28.11 14.15 19.86
CA TYR A 174 -29.00 15.24 19.50
C TYR A 174 -28.42 16.63 19.78
N ARG A 175 -27.31 16.68 20.51
CA ARG A 175 -26.57 17.94 20.72
C ARG A 175 -25.42 18.10 19.74
N GLN A 176 -25.00 17.00 19.10
CA GLN A 176 -23.74 17.00 18.36
C GLN A 176 -23.89 17.37 16.90
N THR A 177 -22.77 17.75 16.31
CA THR A 177 -22.72 18.07 14.88
C THR A 177 -22.73 16.82 14.01
N ASN A 178 -22.99 17.02 12.72
CA ASN A 178 -22.98 15.97 11.71
C ASN A 178 -21.68 15.14 11.74
N LEU A 179 -20.56 15.82 11.65
CA LEU A 179 -19.24 15.20 11.62
C LEU A 179 -18.92 14.44 12.91
N GLU A 180 -19.26 15.01 14.07
CA GLU A 180 -19.00 14.29 15.32
C GLU A 180 -19.84 13.02 15.42
N ASN A 181 -21.11 13.10 14.98
CA ASN A 181 -22.02 11.94 14.98
C ASN A 181 -21.60 10.84 14.02
N LEU A 182 -21.22 11.23 12.81
CA LEU A 182 -20.74 10.29 11.78
C LEU A 182 -19.50 9.56 12.28
N ASP A 183 -18.52 10.34 12.75
CA ASP A 183 -17.26 9.81 13.25
C ASP A 183 -17.45 8.83 14.42
N GLN A 184 -18.38 9.15 15.32
CA GLN A 184 -18.66 8.33 16.50
CA GLN A 184 -18.61 8.31 16.48
C GLN A 184 -19.30 7.00 16.10
N ALA A 185 -20.30 7.07 15.22
CA ALA A 185 -20.99 5.86 14.75
C ALA A 185 -20.02 4.90 14.03
N PHE A 186 -19.21 5.43 13.12
CA PHE A 186 -18.26 4.59 12.38
C PHE A 186 -17.19 3.97 13.31
N SER A 187 -16.81 4.73 14.34
CA SER A 187 -15.81 4.25 15.32
C SER A 187 -16.42 3.20 16.22
N VAL A 188 -17.59 3.49 16.78
CA VAL A 188 -18.27 2.50 17.60
C VAL A 188 -18.49 1.22 16.79
N ALA A 189 -18.96 1.35 15.56
CA ALA A 189 -19.28 0.19 14.73
C ALA A 189 -18.03 -0.64 14.44
N GLU A 190 -16.90 0.03 14.23
CA GLU A 190 -15.67 -0.68 13.95
C GLU A 190 -15.12 -1.36 15.20
N ARG A 191 -14.98 -0.57 16.27
CA ARG A 191 -14.33 -1.04 17.48
CA ARG A 191 -14.34 -1.04 17.49
C ARG A 191 -15.18 -2.11 18.21
N ASP A 192 -16.49 -2.03 18.09
CA ASP A 192 -17.34 -2.90 18.89
C ASP A 192 -18.19 -3.90 18.11
N LEU A 193 -18.37 -3.64 16.82
CA LEU A 193 -19.23 -4.49 15.99
C LEU A 193 -18.45 -5.18 14.87
N GLY A 194 -17.18 -4.85 14.71
CA GLY A 194 -16.36 -5.52 13.72
C GLY A 194 -16.61 -5.01 12.31
N VAL A 195 -17.26 -3.85 12.18
CA VAL A 195 -17.57 -3.28 10.87
C VAL A 195 -16.48 -2.33 10.33
N THR A 196 -15.80 -2.78 9.29
CA THR A 196 -14.76 -2.00 8.62
C THR A 196 -15.30 -0.67 8.14
N ARG A 197 -14.50 0.39 8.29
CA ARG A 197 -14.87 1.74 7.82
C ARG A 197 -14.78 1.85 6.31
N LEU A 198 -15.92 1.96 5.65
CA LEU A 198 -15.92 2.15 4.21
C LEU A 198 -16.06 3.63 3.88
N LEU A 199 -16.72 4.37 4.77
CA LEU A 199 -17.02 5.79 4.53
C LEU A 199 -16.25 6.69 5.46
N ASP A 200 -15.80 7.83 4.95
CA ASP A 200 -15.23 8.88 5.80
C ASP A 200 -16.34 9.89 6.10
N PRO A 201 -16.36 10.47 7.31
CA PRO A 201 -17.43 11.44 7.66
C PRO A 201 -17.61 12.55 6.61
N GLU A 202 -16.51 13.04 6.05
CA GLU A 202 -16.63 14.13 5.08
C GLU A 202 -17.09 13.66 3.69
N ASP A 203 -17.26 12.34 3.50
CA ASP A 203 -17.82 11.84 2.24
C ASP A 203 -19.35 11.77 2.33
N VAL A 204 -19.86 11.72 3.56
CA VAL A 204 -21.30 11.59 3.83
C VAL A 204 -21.99 12.95 4.06
N ASP A 205 -21.28 13.87 4.72
CA ASP A 205 -21.78 15.20 5.07
C ASP A 205 -21.69 16.15 3.90
N VAL A 206 -22.44 15.86 2.83
CA VAL A 206 -22.41 16.60 1.59
C VAL A 206 -23.88 16.77 1.17
N PRO A 207 -24.16 17.75 0.29
CA PRO A 207 -25.56 17.96 -0.12
C PRO A 207 -26.25 16.67 -0.54
N GLN A 208 -25.60 15.84 -1.33
CA GLN A 208 -26.20 14.57 -1.67
C GLN A 208 -25.18 13.42 -1.63
N PRO A 209 -25.24 12.63 -0.56
CA PRO A 209 -24.30 11.51 -0.49
C PRO A 209 -24.58 10.41 -1.49
N ASP A 210 -23.49 9.90 -2.03
CA ASP A 210 -23.52 8.82 -3.01
C ASP A 210 -24.38 7.65 -2.53
N GLU A 211 -25.37 7.27 -3.35
CA GLU A 211 -26.32 6.26 -2.94
C GLU A 211 -25.65 4.86 -2.85
N LYS A 212 -24.81 4.50 -3.83
CA LYS A 212 -24.17 3.18 -3.81
C LYS A 212 -23.21 3.05 -2.62
N SER A 213 -22.53 4.14 -2.29
CA SER A 213 -21.62 4.16 -1.16
C SER A 213 -22.36 3.96 0.17
N ILE A 214 -23.54 4.58 0.33
CA ILE A 214 -24.31 4.42 1.57
C ILE A 214 -24.91 3.02 1.69
N ILE A 215 -25.44 2.51 0.59
CA ILE A 215 -26.02 1.18 0.55
C ILE A 215 -24.96 0.12 0.88
N THR A 216 -23.75 0.29 0.35
CA THR A 216 -22.69 -0.65 0.67
C THR A 216 -22.43 -0.65 2.17
N TYR A 217 -22.31 0.52 2.78
CA TYR A 217 -21.99 0.54 4.20
C TYR A 217 -23.17 0.10 5.07
N VAL A 218 -24.40 0.48 4.71
CA VAL A 218 -25.56 0.10 5.52
C VAL A 218 -25.81 -1.39 5.39
N SER A 219 -25.61 -1.91 4.18
CA SER A 219 -25.60 -3.33 3.90
C SER A 219 -24.64 -4.09 4.82
N SER A 220 -23.43 -3.60 4.98
CA SER A 220 -22.49 -4.33 5.85
C SER A 220 -22.82 -4.14 7.33
N LEU A 221 -23.59 -3.12 7.65
CA LEU A 221 -24.12 -2.99 9.01
C LEU A 221 -25.17 -4.09 9.27
N TYR A 222 -26.13 -4.23 8.37
CA TYR A 222 -27.12 -5.29 8.45
C TYR A 222 -26.47 -6.70 8.55
N ASP A 223 -25.48 -6.95 7.71
CA ASP A 223 -24.82 -8.25 7.66
C ASP A 223 -24.08 -8.61 8.97
N ALA A 224 -23.50 -7.61 9.61
CA ALA A 224 -22.71 -7.84 10.82
C ALA A 224 -23.48 -7.75 12.13
N MET A 225 -24.75 -7.41 12.09
CA MET A 225 -25.49 -7.28 13.33
C MET A 225 -26.33 -8.48 13.70
N PRO A 226 -25.93 -9.15 14.79
CA PRO A 226 -26.57 -10.31 15.41
C PRO A 226 -27.83 -9.94 16.19
N ASP B 1 12.71 4.38 -16.68
CA ASP B 1 13.44 3.15 -16.94
C ASP B 1 14.94 3.31 -16.68
N GLU B 2 15.48 4.50 -16.96
CA GLU B 2 16.93 4.67 -16.89
C GLU B 2 17.35 4.78 -15.43
N ARG B 3 16.40 5.20 -14.62
CA ARG B 3 16.57 5.20 -13.17
C ARG B 3 16.49 3.80 -12.58
N ASP B 4 15.72 2.93 -13.22
CA ASP B 4 15.60 1.52 -12.85
C ASP B 4 16.93 0.81 -13.09
N ARG B 5 17.64 1.23 -14.13
CA ARG B 5 19.02 0.79 -14.39
C ARG B 5 19.96 1.17 -13.24
N VAL B 6 19.90 2.43 -12.78
CA VAL B 6 20.78 2.87 -11.69
C VAL B 6 20.33 2.25 -10.36
N GLN B 7 19.03 2.18 -10.16
CA GLN B 7 18.46 1.56 -8.98
C GLN B 7 18.83 0.08 -8.89
N LYS B 8 18.81 -0.63 -10.02
CA LYS B 8 19.21 -2.04 -10.06
C LYS B 8 20.69 -2.22 -9.72
N LYS B 9 21.54 -1.32 -10.18
CA LYS B 9 22.94 -1.39 -9.81
C LYS B 9 23.13 -1.05 -8.31
N THR B 10 22.47 0.00 -7.81
CA THR B 10 22.61 0.37 -6.40
C THR B 10 22.17 -0.78 -5.50
N PHE B 11 21.02 -1.36 -5.81
CA PHE B 11 20.46 -2.41 -4.97
C PHE B 11 21.34 -3.65 -4.99
N THR B 12 21.89 -3.98 -6.14
CA THR B 12 22.78 -5.14 -6.27
C THR B 12 24.02 -4.98 -5.40
N LYS B 13 24.57 -3.77 -5.37
CA LYS B 13 25.77 -3.49 -4.58
C LYS B 13 25.48 -3.54 -3.09
N TRP B 14 24.30 -3.09 -2.71
CA TRP B 14 23.85 -3.15 -1.32
C TRP B 14 23.73 -4.61 -0.86
N VAL B 15 23.02 -5.42 -1.65
CA VAL B 15 22.84 -6.82 -1.33
C VAL B 15 24.21 -7.53 -1.15
N ASN B 16 25.13 -7.31 -2.10
CA ASN B 16 26.46 -7.92 -2.05
C ASN B 16 27.30 -7.50 -0.84
N LYS B 17 27.02 -6.30 -0.35
CA LYS B 17 27.62 -5.79 0.88
C LYS B 17 27.34 -6.72 2.06
N HIS B 18 26.16 -7.33 2.08
CA HIS B 18 25.82 -8.23 3.16
C HIS B 18 26.16 -9.68 2.80
N LEU B 19 25.95 -10.06 1.54
CA LEU B 19 26.22 -11.42 1.08
C LEU B 19 27.69 -11.80 1.24
N ILE B 20 28.58 -10.83 1.15
CA ILE B 20 30.00 -11.12 1.27
C ILE B 20 30.32 -11.72 2.63
N LYS B 21 29.53 -11.37 3.65
CA LYS B 21 29.71 -11.94 4.98
C LYS B 21 29.28 -13.41 5.07
N ALA B 22 28.69 -13.93 4.01
CA ALA B 22 28.29 -15.33 3.93
C ALA B 22 28.97 -16.00 2.76
N GLN B 23 30.03 -15.37 2.24
CA GLN B 23 30.72 -15.87 1.05
C GLN B 23 29.77 -16.08 -0.11
N ARG B 24 28.93 -15.09 -0.38
CA ARG B 24 28.01 -15.20 -1.50
C ARG B 24 28.08 -13.93 -2.29
N HIS B 25 27.55 -13.98 -3.50
CA HIS B 25 27.71 -12.89 -4.45
C HIS B 25 26.75 -13.03 -5.60
N ILE B 26 26.08 -11.94 -5.96
CA ILE B 26 25.18 -11.92 -7.12
C ILE B 26 25.66 -10.95 -8.21
N SER B 27 25.47 -11.34 -9.47
CA SER B 27 25.69 -10.43 -10.59
C SER B 27 24.40 -9.81 -11.13
N ASP B 28 23.45 -10.65 -11.52
CA ASP B 28 22.20 -10.15 -12.06
C ASP B 28 21.09 -10.27 -11.02
N LEU B 29 20.65 -9.12 -10.52
CA LEU B 29 19.59 -9.08 -9.53
C LEU B 29 18.32 -9.75 -10.01
N TYR B 30 18.08 -9.74 -11.32
CA TYR B 30 16.85 -10.33 -11.88
C TYR B 30 16.98 -11.81 -12.17
N GLU B 31 18.15 -12.36 -11.88
CA GLU B 31 18.40 -13.77 -12.10
C GLU B 31 18.80 -14.54 -10.82
N ASP B 32 19.62 -13.93 -9.98
CA ASP B 32 20.33 -14.68 -8.93
C ASP B 32 19.57 -14.72 -7.61
N LEU B 33 18.36 -14.17 -7.59
CA LEU B 33 17.46 -14.29 -6.43
C LEU B 33 16.33 -15.30 -6.71
N ARG B 34 16.25 -15.80 -7.93
CA ARG B 34 15.14 -16.67 -8.33
C ARG B 34 15.04 -18.01 -7.59
N ASP B 35 16.15 -18.64 -7.18
CA ASP B 35 16.01 -19.93 -6.49
C ASP B 35 15.93 -19.80 -4.97
N GLY B 36 15.85 -18.57 -4.48
CA GLY B 36 15.61 -18.32 -3.07
C GLY B 36 16.80 -18.35 -2.13
N HIS B 37 17.90 -18.98 -2.54
CA HIS B 37 19.02 -19.17 -1.63
C HIS B 37 19.72 -17.88 -1.23
N ASN B 38 19.94 -16.97 -2.17
CA ASN B 38 20.61 -15.71 -1.84
C ASN B 38 19.73 -14.81 -1.00
N LEU B 39 18.41 -14.91 -1.20
CA LEU B 39 17.49 -14.17 -0.35
C LEU B 39 17.55 -14.67 1.07
N ILE B 40 17.50 -15.99 1.22
CA ILE B 40 17.58 -16.57 2.55
C ILE B 40 18.89 -16.14 3.23
N SER B 41 20.02 -16.24 2.52
CA SER B 41 21.31 -15.86 3.12
C SER B 41 21.35 -14.39 3.55
N LEU B 42 20.77 -13.53 2.72
CA LEU B 42 20.72 -12.10 2.99
C LEU B 42 20.00 -11.83 4.29
N LEU B 43 18.84 -12.46 4.44
CA LEU B 43 18.02 -12.31 5.63
C LEU B 43 18.75 -12.79 6.87
N GLU B 44 19.52 -13.86 6.72
CA GLU B 44 20.30 -14.39 7.82
C GLU B 44 21.38 -13.43 8.24
N VAL B 45 22.07 -12.85 7.27
CA VAL B 45 23.15 -11.91 7.60
C VAL B 45 22.53 -10.66 8.27
N LEU B 46 21.40 -10.18 7.78
CA LEU B 46 20.80 -8.96 8.32
C LEU B 46 20.26 -9.12 9.73
N SER B 47 19.70 -10.28 10.04
CA SER B 47 18.92 -10.46 11.27
C SER B 47 19.69 -11.26 12.33
N GLY B 48 20.55 -12.16 11.87
CA GLY B 48 21.30 -12.99 12.78
C GLY B 48 20.58 -14.30 13.03
N ASP B 49 19.36 -14.42 12.52
CA ASP B 49 18.57 -15.64 12.71
C ASP B 49 19.06 -16.74 11.77
N SER B 50 18.67 -17.98 12.05
CA SER B 50 18.91 -19.12 11.16
C SER B 50 17.61 -19.52 10.49
N LEU B 51 17.60 -19.63 9.17
CA LEU B 51 16.38 -20.02 8.49
C LEU B 51 16.60 -21.39 7.87
N PRO B 52 15.52 -22.16 7.71
CA PRO B 52 15.56 -23.46 7.01
C PRO B 52 15.74 -23.29 5.50
N ARG B 53 16.31 -24.30 4.83
CA ARG B 53 16.42 -24.32 3.38
C ARG B 53 15.95 -25.66 2.86
N GLU B 54 15.27 -25.65 1.72
CA GLU B 54 14.83 -26.88 1.09
C GLU B 54 15.90 -27.22 0.03
N LYS B 55 16.46 -28.43 0.08
CA LYS B 55 17.57 -28.79 -0.83
C LYS B 55 17.10 -29.43 -2.14
N GLY B 56 17.67 -29.01 -3.27
CA GLY B 56 17.20 -29.48 -4.55
C GLY B 56 17.15 -28.35 -5.57
N ARG B 57 16.90 -28.71 -6.83
CA ARG B 57 16.86 -27.75 -7.94
C ARG B 57 15.59 -27.78 -8.79
N MET B 58 14.58 -28.55 -8.40
CA MET B 58 13.32 -28.46 -9.12
C MET B 58 12.70 -27.10 -8.87
N ARG B 59 11.75 -26.73 -9.74
CA ARG B 59 10.99 -25.52 -9.54
C ARG B 59 10.33 -25.58 -8.15
N PHE B 60 9.91 -26.77 -7.72
CA PHE B 60 9.37 -26.95 -6.37
C PHE B 60 10.22 -26.33 -5.26
N HIS B 61 11.54 -26.52 -5.34
CA HIS B 61 12.49 -26.02 -4.36
C HIS B 61 12.67 -24.51 -4.45
N LYS B 62 12.62 -23.97 -5.67
CA LYS B 62 12.74 -22.54 -5.84
C LYS B 62 11.56 -21.84 -5.17
N LEU B 63 10.36 -22.32 -5.46
CA LEU B 63 9.12 -21.80 -4.88
C LEU B 63 9.13 -21.89 -3.35
N GLN B 64 9.58 -23.00 -2.78
CA GLN B 64 9.57 -23.17 -1.33
C GLN B 64 10.61 -22.28 -0.65
N ASN B 65 11.82 -22.21 -1.21
CA ASN B 65 12.85 -21.37 -0.61
C ASN B 65 12.43 -19.91 -0.62
N VAL B 66 11.84 -19.44 -1.72
CA VAL B 66 11.32 -18.09 -1.77
C VAL B 66 10.22 -17.88 -0.72
N GLN B 67 9.39 -18.90 -0.53
CA GLN B 67 8.29 -18.83 0.42
C GLN B 67 8.80 -18.73 1.86
N ILE B 68 9.92 -19.40 2.14
CA ILE B 68 10.60 -19.31 3.42
C ILE B 68 10.99 -17.87 3.73
N ALA B 69 11.62 -17.22 2.75
CA ALA B 69 12.02 -15.83 2.89
C ALA B 69 10.80 -14.94 3.12
N LEU B 70 9.78 -15.09 2.28
CA LEU B 70 8.63 -14.18 2.38
C LEU B 70 7.87 -14.39 3.69
N ASP B 71 7.70 -15.65 4.10
CA ASP B 71 7.02 -15.97 5.36
C ASP B 71 7.78 -15.42 6.57
N TYR B 72 9.10 -15.53 6.54
CA TYR B 72 9.94 -14.96 7.57
C TYR B 72 9.72 -13.44 7.69
N LEU B 73 9.72 -12.74 6.56
CA LEU B 73 9.50 -11.29 6.57
C LEU B 73 8.11 -10.95 7.09
N ARG B 74 7.09 -11.67 6.66
CA ARG B 74 5.74 -11.40 7.13
C ARG B 74 5.59 -11.66 8.63
N HIS B 75 6.17 -12.76 9.13
CA HIS B 75 6.07 -13.09 10.55
C HIS B 75 6.84 -12.09 11.41
N ARG B 76 7.64 -11.26 10.76
CA ARG B 76 8.37 -10.24 11.51
C ARG B 76 7.89 -8.85 11.18
N GLN B 77 6.60 -8.79 10.89
CA GLN B 77 5.87 -7.53 10.69
C GLN B 77 6.36 -6.70 9.52
N VAL B 78 7.14 -7.30 8.63
CA VAL B 78 7.44 -6.65 7.36
C VAL B 78 6.22 -6.90 6.50
N LYS B 79 5.44 -5.90 6.17
CA LYS B 79 4.26 -6.23 5.40
C LYS B 79 4.60 -6.28 3.92
N LEU B 80 4.25 -7.41 3.32
CA LEU B 80 4.46 -7.65 1.91
C LEU B 80 3.12 -7.81 1.20
N VAL B 81 2.85 -6.96 0.21
CA VAL B 81 1.58 -7.11 -0.49
C VAL B 81 1.86 -7.27 -1.97
N ASN B 82 0.93 -7.96 -2.64
CA ASN B 82 0.93 -8.15 -4.09
C ASN B 82 2.15 -8.89 -4.65
N ILE B 83 2.81 -9.67 -3.80
CA ILE B 83 3.97 -10.46 -4.19
C ILE B 83 3.74 -11.98 -3.94
N ARG B 84 3.86 -12.78 -4.99
CA ARG B 84 3.70 -14.23 -4.90
C ARG B 84 5.04 -14.94 -5.07
N ASN B 85 5.10 -16.23 -4.68
CA ASN B 85 6.33 -17.01 -4.82
C ASN B 85 6.90 -17.00 -6.22
N ASP B 86 6.03 -17.20 -7.21
CA ASP B 86 6.47 -17.39 -8.59
C ASP B 86 6.88 -16.09 -9.26
N ASP B 87 6.43 -14.94 -8.74
CA ASP B 87 6.94 -13.66 -9.25
C ASP B 87 8.43 -13.56 -9.01
N ILE B 88 8.86 -13.91 -7.80
CA ILE B 88 10.28 -13.86 -7.48
C ILE B 88 11.02 -14.97 -8.24
N ALA B 89 10.45 -16.17 -8.24
CA ALA B 89 11.05 -17.32 -8.93
C ALA B 89 11.12 -17.09 -10.44
N ASP B 90 10.32 -16.16 -10.96
CA ASP B 90 10.38 -15.92 -12.39
C ASP B 90 11.17 -14.68 -12.76
N GLY B 91 11.73 -13.99 -11.76
CA GLY B 91 12.58 -12.83 -12.01
C GLY B 91 11.80 -11.61 -12.50
N ASN B 92 10.58 -11.46 -12.02
CA ASN B 92 9.76 -10.27 -12.28
C ASN B 92 10.49 -9.02 -11.82
N PRO B 93 10.94 -8.19 -12.76
CA PRO B 93 11.79 -7.02 -12.46
C PRO B 93 11.20 -6.08 -11.44
N LYS B 94 9.97 -5.64 -11.68
CA LYS B 94 9.31 -4.70 -10.80
C LYS B 94 9.15 -5.26 -9.38
N LEU B 95 8.65 -6.47 -9.25
CA LEU B 95 8.47 -7.03 -7.90
C LEU B 95 9.81 -7.37 -7.22
N THR B 96 10.81 -7.78 -7.98
CA THR B 96 12.14 -8.03 -7.41
C THR B 96 12.78 -6.74 -6.84
N LEU B 97 12.81 -5.67 -7.63
CA LEU B 97 13.26 -4.37 -7.12
C LEU B 97 12.43 -3.92 -5.92
N GLY B 98 11.12 -4.03 -6.05
CA GLY B 98 10.24 -3.62 -4.95
C GLY B 98 10.49 -4.41 -3.67
N LEU B 99 10.81 -5.70 -3.78
CA LEU B 99 11.09 -6.52 -2.59
C LEU B 99 12.38 -6.11 -1.92
N ILE B 100 13.44 -5.91 -2.71
CA ILE B 100 14.70 -5.46 -2.14
C ILE B 100 14.56 -4.09 -1.46
N TRP B 101 13.85 -3.15 -2.11
CA TRP B 101 13.64 -1.82 -1.53
C TRP B 101 12.94 -1.91 -0.17
N THR B 102 11.93 -2.79 -0.10
CA THR B 102 11.20 -3.05 1.16
C THR B 102 12.14 -3.59 2.24
N ILE B 103 13.10 -4.41 1.82
CA ILE B 103 14.10 -4.92 2.73
C ILE B 103 15.05 -3.80 3.20
N ILE B 104 15.54 -2.99 2.27
CA ILE B 104 16.46 -1.90 2.63
C ILE B 104 15.80 -0.90 3.58
N LEU B 105 14.55 -0.56 3.29
CA LEU B 105 13.74 0.30 4.16
C LEU B 105 13.59 -0.27 5.58
N HIS B 106 13.17 -1.53 5.67
CA HIS B 106 12.83 -2.08 6.97
C HIS B 106 14.09 -2.33 7.81
N PHE B 107 15.18 -2.76 7.19
CA PHE B 107 16.40 -3.09 7.91
C PHE B 107 17.43 -1.95 8.06
N GLN B 108 17.43 -0.97 7.16
CA GLN B 108 18.46 0.07 7.25
C GLN B 108 17.95 1.48 7.42
N ILE B 109 17.01 1.90 6.56
CA ILE B 109 16.69 3.32 6.43
C ILE B 109 15.75 3.76 7.55
N SER B 110 14.90 2.83 7.99
CA SER B 110 13.87 3.12 8.98
C SER B 110 14.52 3.38 10.35
N ASP B 111 15.80 3.04 10.50
CA ASP B 111 16.50 3.11 11.79
C ASP B 111 17.07 4.51 12.10
N ILE B 112 16.74 5.51 11.29
CA ILE B 112 17.17 6.88 11.52
C ILE B 112 16.46 7.47 12.76
N GLN B 113 17.21 8.13 13.64
CA GLN B 113 16.59 8.94 14.68
C GLN B 113 17.42 10.21 14.91
N VAL B 114 16.75 11.36 14.84
CA VAL B 114 17.41 12.67 14.93
C VAL B 114 16.81 13.55 16.04
N SER B 115 17.65 14.29 16.76
CA SER B 115 17.18 15.27 17.73
C SER B 115 16.49 16.44 17.03
N GLY B 116 15.44 16.99 17.66
CA GLY B 116 14.70 18.09 17.07
C GLY B 116 13.57 17.55 16.23
N GLN B 117 13.38 16.24 16.36
CA GLN B 117 12.40 15.49 15.59
C GLN B 117 10.97 15.80 16.00
N SER B 118 10.10 15.91 15.00
CA SER B 118 8.67 16.03 15.22
C SER B 118 8.01 14.69 14.91
N GLU B 119 6.73 14.53 15.28
CA GLU B 119 5.99 13.33 14.93
C GLU B 119 5.64 13.57 13.47
N ASP B 120 4.74 12.79 12.88
CA ASP B 120 4.31 13.12 11.52
C ASP B 120 5.47 12.88 10.52
N MET B 121 6.66 12.58 11.03
CA MET B 121 7.87 12.45 10.21
C MET B 121 8.13 11.04 9.68
N THR B 122 8.41 10.94 8.38
CA THR B 122 8.80 9.67 7.77
C THR B 122 10.29 9.43 7.95
N ALA B 123 10.77 8.26 7.54
CA ALA B 123 12.20 7.96 7.61
C ALA B 123 12.94 8.91 6.67
N LYS B 124 12.38 9.06 5.47
CA LYS B 124 12.91 9.98 4.48
C LYS B 124 13.06 11.40 5.03
N GLU B 125 12.05 11.88 5.76
CA GLU B 125 12.11 13.25 6.30
C GLU B 125 13.14 13.39 7.41
N LYS B 126 13.26 12.39 8.27
CA LYS B 126 14.25 12.45 9.33
C LYS B 126 15.65 12.48 8.72
N LEU B 127 15.85 11.67 7.68
CA LEU B 127 17.16 11.61 7.02
C LEU B 127 17.46 12.95 6.33
N LEU B 128 16.45 13.59 5.76
CA LEU B 128 16.66 14.91 5.17
C LEU B 128 17.03 15.92 6.24
N LEU B 129 16.33 15.87 7.37
CA LEU B 129 16.65 16.74 8.51
C LEU B 129 18.09 16.54 9.01
N TRP B 130 18.50 15.28 9.16
CA TRP B 130 19.85 14.99 9.62
C TRP B 130 20.89 15.62 8.70
N SER B 131 20.65 15.50 7.40
CA SER B 131 21.54 16.06 6.39
C SER B 131 21.66 17.56 6.51
N GLN B 132 20.52 18.22 6.68
CA GLN B 132 20.50 19.67 6.81
C GLN B 132 21.37 20.11 7.98
N ARG B 133 21.19 19.48 9.14
CA ARG B 133 21.95 19.86 10.34
C ARG B 133 23.46 19.64 10.18
N MET B 134 23.83 18.56 9.50
CA MET B 134 25.23 18.23 9.26
C MET B 134 25.96 19.29 8.43
N VAL B 135 25.22 19.93 7.51
CA VAL B 135 25.82 20.85 6.55
C VAL B 135 25.48 22.32 6.75
N GLU B 136 24.86 22.67 7.87
CA GLU B 136 24.38 24.03 8.04
C GLU B 136 25.47 25.11 8.07
N GLY B 137 26.63 24.82 8.64
CA GLY B 137 27.70 25.79 8.70
C GLY B 137 28.40 26.16 7.40
N TYR B 138 28.23 25.35 6.36
CA TYR B 138 29.06 25.43 5.15
C TYR B 138 28.58 26.45 4.12
N GLN B 139 29.53 27.21 3.56
CA GLN B 139 29.19 28.31 2.64
C GLN B 139 28.58 27.80 1.34
N GLY B 140 27.40 28.32 1.03
CA GLY B 140 26.76 27.99 -0.24
C GLY B 140 26.21 26.58 -0.31
N LEU B 141 25.97 25.95 0.83
CA LEU B 141 25.44 24.59 0.78
C LEU B 141 24.05 24.47 1.41
N ARG B 142 23.16 23.84 0.66
CA ARG B 142 21.80 23.61 1.13
C ARG B 142 21.28 22.27 0.59
N CYS B 143 20.37 21.69 1.36
CA CYS B 143 19.86 20.35 1.11
C CYS B 143 18.33 20.30 1.18
N ASP B 144 17.68 20.14 0.03
CA ASP B 144 16.22 20.23 -0.04
C ASP B 144 15.54 18.98 -0.54
N ASN B 145 16.34 18.09 -1.15
CA ASN B 145 15.83 16.89 -1.73
C ASN B 145 16.89 15.80 -1.75
N PHE B 146 16.51 14.64 -2.26
CA PHE B 146 17.45 13.55 -2.42
C PHE B 146 17.68 13.31 -3.90
N THR B 147 17.62 14.40 -4.66
CA THR B 147 17.93 14.38 -6.09
C THR B 147 18.94 15.47 -6.47
N SER B 148 18.44 16.61 -6.97
CA SER B 148 19.30 17.65 -7.52
CA SER B 148 19.31 17.64 -7.52
C SER B 148 20.30 18.21 -6.51
N SER B 149 19.94 18.20 -5.24
CA SER B 149 20.83 18.75 -4.21
C SER B 149 22.17 18.04 -4.14
N TRP B 150 22.20 16.78 -4.55
CA TRP B 150 23.37 15.93 -4.34
C TRP B 150 24.22 15.81 -5.59
N ARG B 151 23.78 16.48 -6.65
CA ARG B 151 24.36 16.33 -7.98
C ARG B 151 25.84 16.65 -8.10
N ASP B 152 26.28 17.71 -7.42
CA ASP B 152 27.65 18.21 -7.56
C ASP B 152 28.66 17.72 -6.52
N GLY B 153 28.23 16.86 -5.61
CA GLY B 153 29.16 16.19 -4.70
C GLY B 153 29.68 16.95 -3.49
N ARG B 154 29.25 18.19 -3.29
CA ARG B 154 29.77 18.98 -2.17
C ARG B 154 29.04 18.66 -0.86
N LEU B 155 27.78 18.26 -0.94
CA LEU B 155 27.06 17.81 0.24
C LEU B 155 27.73 16.57 0.84
N PHE B 156 28.02 15.59 -0.04
CA PHE B 156 28.67 14.36 0.39
C PHE B 156 29.96 14.67 1.15
N ASN B 157 30.75 15.58 0.58
CA ASN B 157 32.04 15.97 1.13
C ASN B 157 31.88 16.73 2.43
N ALA B 158 30.86 17.59 2.48
CA ALA B 158 30.59 18.38 3.67
C ALA B 158 30.25 17.49 4.86
N ILE B 159 29.32 16.57 4.65
CA ILE B 159 28.87 15.66 5.71
C ILE B 159 30.01 14.86 6.31
N ILE B 160 30.84 14.28 5.45
CA ILE B 160 32.06 13.61 5.89
C ILE B 160 32.99 14.58 6.62
N HIS B 161 33.13 15.79 6.08
CA HIS B 161 33.99 16.79 6.71
C HIS B 161 33.50 17.16 8.09
N ARG B 162 32.20 17.32 8.26
CA ARG B 162 31.65 17.62 9.57
C ARG B 162 31.95 16.49 10.55
N HIS B 163 31.96 15.26 10.05
CA HIS B 163 32.15 14.13 10.92
C HIS B 163 33.61 13.98 11.31
N LYS B 164 34.50 14.15 10.35
CA LYS B 164 35.94 14.08 10.63
C LYS B 164 36.76 14.98 9.71
N PRO B 165 36.86 16.27 10.07
CA PRO B 165 37.43 17.31 9.19
C PRO B 165 38.86 17.00 8.70
N LEU B 166 39.61 16.12 9.36
CA LEU B 166 40.93 15.73 8.87
C LEU B 166 40.85 14.90 7.58
N LEU B 167 39.69 14.30 7.32
CA LEU B 167 39.51 13.39 6.19
C LEU B 167 39.30 14.08 4.85
N ILE B 168 38.82 15.30 4.91
CA ILE B 168 38.39 16.06 3.74
C ILE B 168 39.07 17.42 3.71
N ASP B 169 39.60 17.75 2.54
CA ASP B 169 40.16 19.07 2.30
C ASP B 169 39.06 19.95 1.69
N MET B 170 38.28 20.63 2.52
CA MET B 170 37.11 21.38 2.04
C MET B 170 37.44 22.54 1.09
N ASN B 171 38.60 23.15 1.28
CA ASN B 171 38.98 24.26 0.41
C ASN B 171 39.19 23.76 -1.00
N LYS B 172 39.75 22.56 -1.10
CA LYS B 172 39.96 21.93 -2.39
C LYS B 172 38.65 21.54 -3.06
N VAL B 173 37.63 21.24 -2.27
CA VAL B 173 36.33 20.85 -2.84
C VAL B 173 35.75 21.97 -3.71
N TYR B 174 35.97 23.22 -3.31
CA TYR B 174 35.42 24.37 -4.03
C TYR B 174 36.22 24.78 -5.27
N ARG B 175 37.41 24.23 -5.44
CA ARG B 175 38.18 24.45 -6.67
C ARG B 175 37.95 23.30 -7.66
N GLN B 176 37.35 22.21 -7.20
CA GLN B 176 37.22 21.03 -8.05
C GLN B 176 35.88 20.92 -8.80
N THR B 177 35.88 20.10 -9.83
CA THR B 177 34.71 19.81 -10.66
C THR B 177 33.77 18.81 -9.98
N ASN B 178 32.54 18.69 -10.48
CA ASN B 178 31.57 17.73 -9.94
C ASN B 178 32.08 16.30 -9.76
N LEU B 179 32.59 15.71 -10.84
CA LEU B 179 33.02 14.33 -10.80
C LEU B 179 34.16 14.06 -9.83
N GLU B 180 35.14 14.95 -9.80
CA GLU B 180 36.27 14.78 -8.88
C GLU B 180 35.78 14.86 -7.42
N ASN B 181 34.82 15.72 -7.15
CA ASN B 181 34.27 15.82 -5.80
C ASN B 181 33.52 14.55 -5.41
N LEU B 182 32.67 14.06 -6.32
CA LEU B 182 31.91 12.82 -6.11
C LEU B 182 32.84 11.63 -5.91
N ASP B 183 33.78 11.46 -6.84
CA ASP B 183 34.72 10.37 -6.77
C ASP B 183 35.53 10.39 -5.47
N GLN B 184 35.95 11.57 -5.05
CA GLN B 184 36.77 11.66 -3.85
C GLN B 184 35.95 11.32 -2.61
N ALA B 185 34.74 11.88 -2.52
CA ALA B 185 33.88 11.62 -1.37
C ALA B 185 33.60 10.12 -1.23
N PHE B 186 33.24 9.49 -2.35
CA PHE B 186 32.90 8.06 -2.37
C PHE B 186 34.09 7.18 -1.98
N SER B 187 35.29 7.58 -2.38
CA SER B 187 36.51 6.84 -2.05
C SER B 187 36.91 7.02 -0.57
N VAL B 188 36.92 8.27 -0.12
CA VAL B 188 37.22 8.55 1.28
C VAL B 188 36.24 7.80 2.17
N ALA B 189 34.95 7.85 1.84
CA ALA B 189 33.92 7.22 2.66
C ALA B 189 34.13 5.70 2.73
N GLU B 190 34.54 5.10 1.63
CA GLU B 190 34.79 3.67 1.65
C GLU B 190 36.07 3.34 2.41
N ARG B 191 37.18 4.01 2.08
CA ARG B 191 38.47 3.63 2.66
C ARG B 191 38.54 3.92 4.15
N ASP B 192 37.82 4.96 4.61
CA ASP B 192 38.02 5.45 5.97
C ASP B 192 36.84 5.30 6.90
N LEU B 193 35.65 5.17 6.34
CA LEU B 193 34.47 5.05 7.17
C LEU B 193 33.81 3.69 6.97
N GLY B 194 34.34 2.91 6.02
CA GLY B 194 33.84 1.57 5.77
C GLY B 194 32.53 1.53 4.98
N VAL B 195 32.17 2.65 4.37
CA VAL B 195 30.91 2.76 3.64
C VAL B 195 31.09 2.30 2.20
N THR B 196 30.50 1.16 1.86
CA THR B 196 30.58 0.57 0.53
C THR B 196 30.17 1.57 -0.58
N ARG B 197 30.90 1.58 -1.71
CA ARG B 197 30.53 2.45 -2.83
C ARG B 197 29.28 1.94 -3.54
N LEU B 198 28.14 2.57 -3.30
CA LEU B 198 26.88 2.15 -3.95
C LEU B 198 26.58 2.95 -5.21
N LEU B 199 27.10 4.18 -5.27
CA LEU B 199 26.79 5.08 -6.37
C LEU B 199 28.01 5.27 -7.24
N ASP B 200 27.81 5.37 -8.54
CA ASP B 200 28.89 5.74 -9.43
C ASP B 200 28.79 7.23 -9.73
N PRO B 201 29.93 7.91 -9.84
CA PRO B 201 29.98 9.35 -10.11
C PRO B 201 29.12 9.78 -11.31
N GLU B 202 29.06 8.94 -12.33
CA GLU B 202 28.37 9.25 -13.58
C GLU B 202 26.85 9.15 -13.49
N ASP B 203 26.35 8.54 -12.41
CA ASP B 203 24.90 8.44 -12.16
C ASP B 203 24.38 9.57 -11.32
N VAL B 204 25.29 10.26 -10.64
CA VAL B 204 24.92 11.31 -9.72
C VAL B 204 24.98 12.64 -10.46
N ASP B 205 25.99 12.78 -11.32
CA ASP B 205 26.26 14.02 -12.04
C ASP B 205 25.36 14.14 -13.28
N VAL B 206 24.05 14.17 -13.03
CA VAL B 206 23.07 14.21 -14.10
C VAL B 206 21.99 15.20 -13.70
N PRO B 207 21.22 15.69 -14.68
CA PRO B 207 20.14 16.64 -14.37
C PRO B 207 19.23 16.16 -13.23
N GLN B 208 18.84 14.89 -13.22
CA GLN B 208 18.09 14.37 -12.08
C GLN B 208 18.49 12.96 -11.68
N PRO B 209 19.20 12.85 -10.55
CA PRO B 209 19.66 11.59 -9.95
C PRO B 209 18.53 10.76 -9.32
N ASP B 210 18.65 9.45 -9.45
CA ASP B 210 17.72 8.49 -8.86
C ASP B 210 17.56 8.70 -7.35
N GLU B 211 16.31 8.87 -6.91
CA GLU B 211 16.02 9.21 -5.52
C GLU B 211 16.30 8.09 -4.53
N LYS B 212 15.88 6.88 -4.84
CA LYS B 212 16.05 5.75 -3.93
C LYS B 212 17.50 5.41 -3.75
N SER B 213 18.28 5.61 -4.81
CA SER B 213 19.72 5.37 -4.78
C SER B 213 20.42 6.34 -3.84
N ILE B 214 20.05 7.61 -3.91
CA ILE B 214 20.71 8.63 -3.09
C ILE B 214 20.37 8.41 -1.62
N ILE B 215 19.13 8.07 -1.35
CA ILE B 215 18.64 7.83 -0.01
C ILE B 215 19.33 6.64 0.61
N THR B 216 19.48 5.58 -0.18
CA THR B 216 20.17 4.39 0.29
C THR B 216 21.59 4.71 0.72
N TYR B 217 22.29 5.50 -0.09
CA TYR B 217 23.68 5.81 0.19
C TYR B 217 23.85 6.79 1.35
N VAL B 218 22.97 7.79 1.44
CA VAL B 218 23.09 8.78 2.48
C VAL B 218 22.71 8.14 3.80
N SER B 219 21.68 7.30 3.76
CA SER B 219 21.34 6.48 4.94
C SER B 219 22.53 5.66 5.46
N SER B 220 23.27 5.02 4.57
CA SER B 220 24.41 4.21 5.02
C SER B 220 25.59 5.10 5.47
N LEU B 221 25.55 6.35 5.07
CA LEU B 221 26.48 7.36 5.59
C LEU B 221 26.15 7.66 7.04
N TYR B 222 24.88 7.93 7.32
CA TYR B 222 24.39 8.10 8.69
C TYR B 222 24.83 6.94 9.60
N ASP B 223 24.79 5.72 9.07
CA ASP B 223 25.17 4.49 9.78
C ASP B 223 26.62 4.38 10.24
N ALA B 224 27.53 4.93 9.45
CA ALA B 224 28.95 4.80 9.76
C ALA B 224 29.35 5.88 10.71
N MET B 225 28.41 6.77 11.01
CA MET B 225 28.65 7.84 11.96
C MET B 225 27.88 7.59 13.27
N PRO B 226 28.51 6.90 14.24
CA PRO B 226 27.83 6.68 15.53
C PRO B 226 27.92 7.89 16.46
#